data_8B82
#
_entry.id   8B82
#
_cell.length_a   34.410
_cell.length_b   55.253
_cell.length_c   114.284
_cell.angle_alpha   90.000
_cell.angle_beta   90.000
_cell.angle_gamma   90.000
#
_symmetry.space_group_name_H-M   'P 21 21 21'
#
loop_
_entity.id
_entity.type
_entity.pdbx_description
1 polymer 'Protein scribble homolog'
2 polymer 'Protein E6'
3 non-polymer 'CHLORIDE ION'
4 water water
#
loop_
_entity_poly.entity_id
_entity_poly.type
_entity_poly.pdbx_seq_one_letter_code
_entity_poly.pdbx_strand_id
1 'polypeptide(L)'
;APSVKGVSFDQANNLLIEPARIEEEELTLTILRQTGGLGISIAGGKGSTPYKGDDEGIFISRVSEEGPAARAGVRVGDKL
LEVNGVALQGAEHHEAVEALRGAGTAVQMRVWRERM
;
A,B
2 'polypeptide(L)' RLQRRRETQV C,D
#
loop_
_chem_comp.id
_chem_comp.type
_chem_comp.name
_chem_comp.formula
CL non-polymer 'CHLORIDE ION' 'Cl -1'
#
# COMPACT_ATOMS: atom_id res chain seq x y z
N PHE A 9 21.61 6.61 -8.53
CA PHE A 9 22.63 6.98 -7.56
C PHE A 9 23.17 8.39 -7.84
N ASP A 10 24.19 8.77 -7.07
CA ASP A 10 24.91 10.02 -7.23
C ASP A 10 26.31 9.69 -7.75
N GLN A 11 26.98 10.71 -8.30
CA GLN A 11 28.33 10.55 -8.82
C GLN A 11 29.22 11.63 -8.25
N ALA A 12 30.41 11.24 -7.77
CA ALA A 12 31.37 12.17 -7.20
C ALA A 12 32.75 11.55 -7.35
N ASN A 13 33.65 12.26 -8.04
CA ASN A 13 35.01 11.76 -8.27
C ASN A 13 35.00 10.38 -8.91
N ASN A 14 34.14 10.23 -9.93
CA ASN A 14 34.02 8.97 -10.68
C ASN A 14 33.62 7.80 -9.79
N LEU A 15 33.00 8.07 -8.65
CA LEU A 15 32.49 7.03 -7.76
C LEU A 15 30.97 7.14 -7.68
N LEU A 16 30.29 6.03 -7.94
CA LEU A 16 28.82 5.97 -7.87
C LEU A 16 28.44 5.65 -6.42
N ILE A 17 27.87 6.63 -5.72
CA ILE A 17 27.57 6.50 -4.30
C ILE A 17 26.07 6.61 -4.09
N GLU A 18 25.63 6.15 -2.93
CA GLU A 18 24.22 6.24 -2.57
C GLU A 18 23.84 7.69 -2.32
N PRO A 19 22.78 8.20 -2.95
CA PRO A 19 22.40 9.60 -2.72
C PRO A 19 21.83 9.80 -1.32
N ALA A 20 21.87 11.05 -0.88
CA ALA A 20 21.16 11.42 0.34
C ALA A 20 19.67 11.17 0.16
N ARG A 21 19.06 10.57 1.19
CA ARG A 21 17.67 10.17 1.10
C ARG A 21 16.96 10.54 2.38
N ILE A 22 15.68 10.89 2.24
CA ILE A 22 14.79 11.09 3.39
C ILE A 22 14.08 9.77 3.63
N GLU A 23 14.46 9.07 4.71
CA GLU A 23 13.84 7.80 5.03
C GLU A 23 12.47 7.99 5.65
N GLU A 24 12.42 8.71 6.77
CA GLU A 24 11.17 8.97 7.47
C GLU A 24 11.01 10.47 7.67
N GLU A 25 9.75 10.90 7.70
CA GLU A 25 9.43 12.31 7.87
C GLU A 25 8.18 12.44 8.73
N GLU A 26 8.18 13.45 9.59
CA GLU A 26 6.98 13.85 10.31
C GLU A 26 6.65 15.27 9.88
N LEU A 27 5.48 15.46 9.29
CA LEU A 27 5.03 16.75 8.79
C LEU A 27 3.76 17.19 9.51
N THR A 28 3.63 18.49 9.70
CA THR A 28 2.40 19.10 10.18
C THR A 28 1.77 19.87 9.01
N LEU A 29 0.56 19.46 8.63
CA LEU A 29 -0.18 20.07 7.52
C LEU A 29 -1.52 20.58 8.01
N THR A 30 -2.03 21.63 7.36
CA THR A 30 -3.31 22.22 7.71
C THR A 30 -4.20 22.21 6.47
N ILE A 31 -5.20 21.36 6.48
CA ILE A 31 -6.16 21.26 5.39
C ILE A 31 -7.33 22.19 5.69
N LEU A 32 -7.83 22.87 4.66
CA LEU A 32 -9.02 23.69 4.78
C LEU A 32 -10.19 22.94 4.15
N ARG A 33 -11.24 22.73 4.94
CA ARG A 33 -12.40 22.01 4.45
C ARG A 33 -13.15 22.83 3.40
N GLN A 34 -13.76 22.14 2.45
CA GLN A 34 -14.58 22.76 1.42
C GLN A 34 -15.92 22.05 1.36
N THR A 35 -16.78 22.48 0.44
CA THR A 35 -17.99 21.73 0.14
C THR A 35 -17.60 20.34 -0.30
N GLY A 36 -18.05 19.32 0.44
CA GLY A 36 -17.66 17.96 0.18
C GLY A 36 -16.53 17.44 1.05
N GLY A 37 -16.01 18.25 1.96
CA GLY A 37 -15.05 17.77 2.94
C GLY A 37 -13.60 18.14 2.67
N LEU A 38 -12.69 17.22 3.01
CA LEU A 38 -11.27 17.47 2.95
C LEU A 38 -10.58 16.84 1.73
N GLY A 39 -11.31 16.06 0.95
CA GLY A 39 -10.75 15.49 -0.27
C GLY A 39 -9.68 14.44 -0.01
N ILE A 40 -9.94 13.54 0.93
CA ILE A 40 -9.02 12.46 1.25
C ILE A 40 -9.81 11.19 1.54
N SER A 41 -9.08 10.09 1.69
CA SER A 41 -9.61 8.83 2.20
C SER A 41 -8.65 8.30 3.26
N ILE A 42 -9.21 7.80 4.35
CA ILE A 42 -8.43 7.19 5.42
C ILE A 42 -8.74 5.70 5.45
N ALA A 43 -7.75 4.90 5.85
CA ALA A 43 -7.88 3.45 5.87
C ALA A 43 -7.19 2.90 7.10
N GLY A 44 -7.70 1.79 7.61
CA GLY A 44 -7.11 1.12 8.75
C GLY A 44 -7.76 1.53 10.05
N GLY A 45 -7.08 1.14 11.13
CA GLY A 45 -7.59 1.32 12.47
C GLY A 45 -7.41 0.07 13.30
N LYS A 46 -7.47 0.21 14.62
CA LYS A 46 -7.28 -0.93 15.51
C LYS A 46 -8.47 -1.88 15.36
N GLY A 47 -8.20 -3.10 14.90
CA GLY A 47 -9.25 -4.05 14.62
C GLY A 47 -9.66 -4.13 13.17
N SER A 48 -8.98 -3.40 12.28
CA SER A 48 -9.22 -3.46 10.85
C SER A 48 -8.01 -4.08 10.17
N THR A 49 -8.21 -4.55 8.95
CA THR A 49 -7.10 -5.09 8.20
C THR A 49 -6.05 -4.00 7.99
N PRO A 50 -4.78 -4.26 8.30
CA PRO A 50 -3.76 -3.22 8.10
C PRO A 50 -3.71 -2.73 6.66
N TYR A 51 -3.45 -1.44 6.51
CA TYR A 51 -3.20 -0.85 5.20
C TYR A 51 -1.77 -1.04 4.74
N LYS A 52 -0.82 -1.28 5.65
CA LYS A 52 0.58 -1.44 5.29
C LYS A 52 1.26 -2.28 6.37
N GLY A 53 1.85 -3.41 5.98
CA GLY A 53 2.50 -4.27 6.94
C GLY A 53 1.53 -4.74 8.00
N ASP A 54 1.99 -4.75 9.25
CA ASP A 54 1.16 -5.07 10.40
C ASP A 54 0.63 -3.81 11.09
N ASP A 55 0.67 -2.67 10.40
CA ASP A 55 0.36 -1.38 11.00
C ASP A 55 -1.14 -1.14 10.92
N GLU A 56 -1.81 -1.21 12.08
CA GLU A 56 -3.24 -0.96 12.18
C GLU A 56 -3.56 0.52 12.35
N GLY A 57 -2.62 1.40 12.03
CA GLY A 57 -2.85 2.81 12.15
C GLY A 57 -3.64 3.37 10.97
N ILE A 58 -3.88 4.67 11.04
CA ILE A 58 -4.66 5.38 10.03
C ILE A 58 -3.72 5.94 8.99
N PHE A 59 -4.01 5.67 7.71
CA PHE A 59 -3.19 6.14 6.61
C PHE A 59 -4.08 6.78 5.55
N ILE A 60 -3.54 7.79 4.87
CA ILE A 60 -4.22 8.40 3.74
C ILE A 60 -4.16 7.43 2.57
N SER A 61 -5.32 7.05 2.05
CA SER A 61 -5.44 6.12 0.93
C SER A 61 -5.69 6.81 -0.39
N ARG A 62 -6.46 7.89 -0.41
CA ARG A 62 -6.75 8.65 -1.61
C ARG A 62 -6.63 10.13 -1.30
N VAL A 63 -5.98 10.88 -2.20
CA VAL A 63 -5.93 12.34 -2.11
C VAL A 63 -6.50 12.88 -3.41
N SER A 64 -7.69 13.48 -3.32
CA SER A 64 -8.31 14.09 -4.48
C SER A 64 -7.37 15.11 -5.10
N GLU A 65 -6.99 14.87 -6.35
CA GLU A 65 -6.04 15.74 -7.03
C GLU A 65 -6.57 17.17 -7.07
N GLU A 66 -5.65 18.13 -6.93
CA GLU A 66 -6.00 19.55 -6.94
C GLU A 66 -7.11 19.86 -5.94
N GLY A 67 -7.20 19.05 -4.89
CA GLY A 67 -8.20 19.22 -3.87
C GLY A 67 -7.63 19.81 -2.59
N PRO A 68 -8.47 19.95 -1.56
CA PRO A 68 -8.01 20.60 -0.33
C PRO A 68 -6.75 19.96 0.27
N ALA A 69 -6.73 18.64 0.40
CA ALA A 69 -5.55 17.98 0.95
C ALA A 69 -4.37 18.06 0.00
N ALA A 70 -4.63 18.01 -1.32
CA ALA A 70 -3.53 18.13 -2.26
C ALA A 70 -2.81 19.46 -2.11
N ARG A 71 -3.58 20.54 -1.94
CA ARG A 71 -2.98 21.87 -1.78
C ARG A 71 -2.30 22.04 -0.44
N ALA A 72 -2.63 21.21 0.56
CA ALA A 72 -2.06 21.33 1.89
C ALA A 72 -0.79 20.51 2.07
N GLY A 73 -0.46 19.64 1.12
CA GLY A 73 0.77 18.86 1.17
C GLY A 73 0.58 17.39 1.45
N VAL A 74 -0.66 16.92 1.60
CA VAL A 74 -0.89 15.53 1.92
C VAL A 74 -0.49 14.65 0.74
N ARG A 75 0.00 13.45 1.04
CA ARG A 75 0.37 12.48 0.00
C ARG A 75 -0.15 11.10 0.38
N VAL A 76 -0.66 10.39 -0.63
CA VAL A 76 -1.19 9.05 -0.39
C VAL A 76 -0.13 8.20 0.30
N GLY A 77 -0.56 7.47 1.31
CA GLY A 77 0.33 6.64 2.09
C GLY A 77 0.82 7.25 3.38
N ASP A 78 0.51 8.52 3.62
CA ASP A 78 0.90 9.16 4.87
C ASP A 78 0.11 8.58 6.04
N LYS A 79 0.79 8.41 7.17
CA LYS A 79 0.14 7.93 8.38
C LYS A 79 -0.31 9.12 9.22
N LEU A 80 -1.58 9.11 9.61
CA LEU A 80 -2.17 10.21 10.37
C LEU A 80 -1.94 9.98 11.86
N LEU A 81 -1.20 10.89 12.49
CA LEU A 81 -0.81 10.76 13.89
C LEU A 81 -1.66 11.61 14.83
N GLU A 82 -1.93 12.86 14.46
CA GLU A 82 -2.72 13.76 15.29
C GLU A 82 -3.62 14.60 14.42
N VAL A 83 -4.77 14.97 14.96
CA VAL A 83 -5.71 15.90 14.34
C VAL A 83 -6.04 16.95 15.38
N ASN A 84 -5.63 18.19 15.13
CA ASN A 84 -5.96 19.32 16.01
C ASN A 84 -5.65 19.00 17.47
N GLY A 85 -4.50 18.37 17.69
CA GLY A 85 -4.06 18.07 19.04
C GLY A 85 -4.63 16.80 19.63
N VAL A 86 -5.36 16.01 18.84
CA VAL A 86 -5.93 14.74 19.29
C VAL A 86 -5.22 13.63 18.55
N ALA A 87 -4.49 12.79 19.28
CA ALA A 87 -3.74 11.71 18.67
C ALA A 87 -4.63 10.52 18.37
N LEU A 88 -4.41 9.88 17.23
CA LEU A 88 -5.20 8.74 16.79
C LEU A 88 -4.56 7.40 17.14
N GLN A 89 -3.51 7.39 17.94
CA GLN A 89 -2.85 6.14 18.32
C GLN A 89 -3.86 5.16 18.89
N GLY A 90 -3.97 4.00 18.27
CA GLY A 90 -4.89 2.97 18.71
C GLY A 90 -6.34 3.20 18.34
N ALA A 91 -6.65 4.28 17.62
CA ALA A 91 -8.02 4.58 17.27
C ALA A 91 -8.57 3.58 16.25
N GLU A 92 -9.84 3.23 16.41
CA GLU A 92 -10.51 2.42 15.41
C GLU A 92 -10.84 3.29 14.19
N HIS A 93 -11.06 2.61 13.06
CA HIS A 93 -11.32 3.32 11.81
C HIS A 93 -12.37 4.41 12.00
N HIS A 94 -13.54 4.02 12.52
CA HIS A 94 -14.67 4.95 12.56
C HIS A 94 -14.43 6.08 13.55
N GLU A 95 -13.67 5.83 14.62
CA GLU A 95 -13.27 6.91 15.51
C GLU A 95 -12.50 7.99 14.75
N ALA A 96 -11.60 7.56 13.86
CA ALA A 96 -10.87 8.52 13.05
C ALA A 96 -11.80 9.26 12.10
N VAL A 97 -12.75 8.54 11.50
CA VAL A 97 -13.71 9.18 10.60
C VAL A 97 -14.40 10.35 11.29
N GLU A 98 -14.99 10.09 12.47
CA GLU A 98 -15.69 11.15 13.18
C GLU A 98 -14.73 12.23 13.65
N ALA A 99 -13.48 11.87 13.94
CA ALA A 99 -12.49 12.89 14.30
C ALA A 99 -12.21 13.82 13.13
N LEU A 100 -12.02 13.25 11.94
CA LEU A 100 -11.77 14.08 10.76
C LEU A 100 -13.04 14.78 10.28
N ARG A 101 -14.21 14.24 10.61
CA ARG A 101 -15.45 14.91 10.23
C ARG A 101 -15.77 16.08 11.15
N GLY A 102 -15.33 16.03 12.40
CA GLY A 102 -15.57 17.07 13.37
C GLY A 102 -14.40 18.01 13.60
N ALA A 103 -13.34 17.90 12.79
CA ALA A 103 -12.16 18.73 13.01
C ALA A 103 -12.39 20.20 12.68
N GLY A 104 -13.56 20.55 12.15
CA GLY A 104 -13.86 21.93 11.84
C GLY A 104 -13.51 22.29 10.41
N THR A 105 -13.29 23.59 10.20
CA THR A 105 -12.93 24.07 8.87
C THR A 105 -11.45 23.86 8.58
N ALA A 106 -10.59 24.23 9.53
CA ALA A 106 -9.15 24.05 9.41
C ALA A 106 -8.75 22.79 10.16
N VAL A 107 -8.23 21.81 9.44
CA VAL A 107 -7.89 20.51 10.01
C VAL A 107 -6.38 20.39 9.97
N GLN A 108 -5.75 20.59 11.11
CA GLN A 108 -4.29 20.58 11.25
C GLN A 108 -3.86 19.20 11.71
N MET A 109 -3.15 18.47 10.85
CA MET A 109 -2.77 17.10 11.10
C MET A 109 -1.26 16.95 11.03
N ARG A 110 -0.71 16.17 11.96
CA ARG A 110 0.67 15.72 11.91
C ARG A 110 0.69 14.31 11.33
N VAL A 111 1.47 14.12 10.26
CA VAL A 111 1.54 12.85 9.57
C VAL A 111 2.97 12.32 9.60
N TRP A 112 3.12 11.06 9.20
CA TRP A 112 4.41 10.38 9.11
C TRP A 112 4.55 9.83 7.71
N ARG A 113 5.66 10.16 7.05
CA ARG A 113 5.85 9.85 5.64
C ARG A 113 7.10 8.98 5.46
N GLU A 114 6.97 7.94 4.66
CA GLU A 114 8.08 7.05 4.35
C GLU A 114 8.60 7.38 2.95
N ARG A 115 9.65 6.66 2.52
CA ARG A 115 10.33 7.00 1.27
C ARG A 115 9.57 6.53 0.04
N MET A 116 9.53 5.23 -0.21
CA MET A 116 8.88 4.67 -1.40
C MET A 116 7.59 3.97 -1.01
N ASP B 10 24.43 -9.45 17.43
CA ASP B 10 25.86 -9.30 17.68
C ASP B 10 26.20 -7.85 18.02
N GLN B 11 27.37 -7.61 18.60
CA GLN B 11 27.76 -6.29 19.06
C GLN B 11 29.17 -5.96 18.59
N ALA B 12 29.45 -4.65 18.52
CA ALA B 12 30.74 -4.12 18.08
C ALA B 12 31.15 -3.04 19.08
N ASN B 13 32.04 -3.38 20.01
CA ASN B 13 32.44 -2.47 21.07
C ASN B 13 31.22 -2.01 21.88
N ASN B 14 30.40 -2.98 22.25
CA ASN B 14 29.17 -2.74 23.02
C ASN B 14 28.14 -1.94 22.22
N LEU B 15 28.26 -1.92 20.90
CA LEU B 15 27.34 -1.19 20.03
C LEU B 15 26.67 -2.16 19.07
N LEU B 16 25.34 -2.13 19.04
CA LEU B 16 24.60 -3.13 18.29
C LEU B 16 24.88 -3.01 16.79
N ILE B 17 24.91 -4.16 16.11
CA ILE B 17 25.18 -4.24 14.69
C ILE B 17 23.86 -4.49 13.97
N GLU B 18 23.66 -3.85 12.83
CA GLU B 18 22.45 -4.06 12.07
C GLU B 18 22.36 -5.54 11.67
N PRO B 19 21.23 -6.21 11.90
CA PRO B 19 21.13 -7.62 11.50
C PRO B 19 21.07 -7.77 9.99
N ALA B 20 21.40 -8.98 9.54
CA ALA B 20 21.31 -9.30 8.12
C ALA B 20 19.89 -9.05 7.63
N ARG B 21 19.78 -8.46 6.44
CA ARG B 21 18.50 -8.05 5.90
C ARG B 21 18.34 -8.55 4.47
N ILE B 22 17.11 -8.94 4.13
CA ILE B 22 16.74 -9.28 2.76
C ILE B 22 15.97 -8.08 2.21
N GLU B 23 16.57 -7.35 1.27
CA GLU B 23 15.94 -6.13 0.77
C GLU B 23 14.84 -6.44 -0.24
N GLU B 24 15.05 -7.44 -1.10
CA GLU B 24 14.06 -7.79 -2.11
C GLU B 24 14.37 -9.19 -2.62
N GLU B 25 13.33 -9.90 -3.03
CA GLU B 25 13.46 -11.26 -3.52
C GLU B 25 12.45 -11.49 -4.64
N GLU B 26 12.76 -12.46 -5.50
CA GLU B 26 11.85 -12.94 -6.52
C GLU B 26 11.53 -14.39 -6.24
N LEU B 27 10.25 -14.69 -6.05
CA LEU B 27 9.81 -16.04 -5.77
C LEU B 27 9.02 -16.59 -6.95
N THR B 28 9.12 -17.89 -7.15
CA THR B 28 8.27 -18.61 -8.09
C THR B 28 7.33 -19.47 -7.26
N LEU B 29 6.04 -19.14 -7.31
CA LEU B 29 5.01 -19.84 -6.58
C LEU B 29 4.10 -20.58 -7.55
N THR B 30 3.33 -21.52 -7.02
CA THR B 30 2.38 -22.29 -7.82
C THR B 30 1.08 -22.38 -7.03
N ILE B 31 0.03 -21.75 -7.54
CA ILE B 31 -1.29 -21.81 -6.94
C ILE B 31 -2.09 -22.91 -7.61
N LEU B 32 -2.77 -23.72 -6.79
CA LEU B 32 -3.73 -24.71 -7.28
C LEU B 32 -5.13 -24.10 -7.13
N ARG B 33 -5.78 -23.87 -8.26
CA ARG B 33 -7.09 -23.22 -8.24
C ARG B 33 -8.11 -24.10 -7.51
N GLN B 34 -8.93 -23.46 -6.68
CA GLN B 34 -10.02 -24.12 -5.97
C GLN B 34 -11.30 -23.33 -6.20
N THR B 35 -12.40 -24.04 -6.42
CA THR B 35 -13.70 -23.43 -6.70
C THR B 35 -13.64 -22.49 -7.90
N GLY B 36 -12.64 -22.68 -8.76
CA GLY B 36 -12.46 -21.79 -9.89
C GLY B 36 -11.87 -20.44 -9.54
N GLY B 37 -11.39 -20.26 -8.32
CA GLY B 37 -10.75 -19.01 -7.92
C GLY B 37 -9.43 -19.26 -7.23
N LEU B 38 -8.56 -18.26 -7.31
CA LEU B 38 -7.21 -18.36 -6.75
C LEU B 38 -7.11 -17.80 -5.33
N GLY B 39 -8.15 -17.13 -4.84
CA GLY B 39 -8.11 -16.60 -3.49
C GLY B 39 -7.20 -15.41 -3.31
N ILE B 40 -7.13 -14.53 -4.32
CA ILE B 40 -6.32 -13.32 -4.25
C ILE B 40 -7.06 -12.19 -4.97
N SER B 41 -6.58 -10.97 -4.75
CA SER B 41 -7.03 -9.79 -5.47
C SER B 41 -5.82 -9.14 -6.14
N ILE B 42 -6.00 -8.70 -7.38
CA ILE B 42 -4.95 -8.04 -8.13
C ILE B 42 -5.38 -6.60 -8.40
N ALA B 43 -4.45 -5.67 -8.25
CA ALA B 43 -4.73 -4.25 -8.44
C ALA B 43 -3.62 -3.62 -9.27
N GLY B 44 -3.98 -2.58 -10.00
CA GLY B 44 -3.03 -1.86 -10.83
C GLY B 44 -3.06 -2.30 -12.28
N GLY B 45 -2.11 -1.75 -13.02
CA GLY B 45 -1.96 -2.02 -14.45
C GLY B 45 -1.55 -0.75 -15.17
N LYS B 46 -0.87 -0.93 -16.30
CA LYS B 46 -0.45 0.21 -17.10
C LYS B 46 -1.68 0.98 -17.57
N GLY B 47 -1.69 2.28 -17.28
CA GLY B 47 -2.85 3.10 -17.53
C GLY B 47 -3.81 3.20 -16.37
N SER B 48 -3.43 2.70 -15.20
CA SER B 48 -4.24 2.78 -13.99
C SER B 48 -3.43 3.46 -12.89
N THR B 49 -4.14 3.88 -11.84
CA THR B 49 -3.47 4.47 -10.69
C THR B 49 -2.55 3.44 -10.05
N PRO B 50 -1.26 3.72 -9.91
CA PRO B 50 -0.35 2.73 -9.33
C PRO B 50 -0.84 2.25 -7.97
N TYR B 51 -0.47 1.01 -7.63
CA TYR B 51 -0.74 0.47 -6.31
C TYR B 51 0.31 0.89 -5.29
N LYS B 52 1.51 1.23 -5.74
CA LYS B 52 2.59 1.67 -4.86
C LYS B 52 3.51 2.59 -5.65
N GLY B 53 3.69 3.81 -5.16
CA GLY B 53 4.58 4.74 -5.82
C GLY B 53 4.11 5.01 -7.23
N ASP B 54 5.04 4.94 -8.19
CA ASP B 54 4.74 5.12 -9.59
C ASP B 54 4.83 3.83 -10.38
N ASP B 55 4.94 2.69 -9.69
CA ASP B 55 5.01 1.40 -10.35
C ASP B 55 3.62 1.02 -10.85
N GLU B 56 3.47 0.92 -12.17
CA GLU B 56 2.17 0.64 -12.77
C GLU B 56 1.94 -0.85 -13.00
N GLY B 57 2.72 -1.72 -12.37
CA GLY B 57 2.57 -3.15 -12.56
C GLY B 57 1.39 -3.72 -11.79
N ILE B 58 1.28 -5.05 -11.86
CA ILE B 58 0.19 -5.78 -11.20
C ILE B 58 0.67 -6.21 -9.81
N PHE B 59 -0.13 -5.93 -8.79
CA PHE B 59 0.24 -6.19 -7.40
C PHE B 59 -0.87 -6.97 -6.70
N ILE B 60 -0.49 -8.02 -5.98
CA ILE B 60 -1.45 -8.76 -5.18
C ILE B 60 -1.88 -7.88 -4.01
N SER B 61 -3.18 -7.58 -3.97
CA SER B 61 -3.71 -6.65 -2.97
C SER B 61 -4.30 -7.33 -1.75
N ARG B 62 -4.92 -8.50 -1.92
CA ARG B 62 -5.59 -9.18 -0.81
C ARG B 62 -5.46 -10.68 -0.99
N VAL B 63 -4.77 -11.34 -0.05
CA VAL B 63 -4.61 -12.78 -0.06
C VAL B 63 -5.66 -13.37 0.88
N SER B 64 -6.62 -14.09 0.32
CA SER B 64 -7.72 -14.64 1.12
C SER B 64 -7.18 -15.54 2.21
N GLU B 65 -7.82 -15.49 3.39
CA GLU B 65 -7.38 -16.30 4.51
C GLU B 65 -7.40 -17.79 4.13
N GLU B 66 -6.37 -18.51 4.55
CA GLU B 66 -6.18 -19.89 4.08
C GLU B 66 -6.20 -19.86 2.56
N GLY B 67 -6.88 -20.80 1.93
CA GLY B 67 -7.11 -20.72 0.50
C GLY B 67 -5.87 -20.97 -0.33
N PRO B 68 -6.04 -20.94 -1.66
CA PRO B 68 -4.95 -21.42 -2.53
C PRO B 68 -3.67 -20.62 -2.44
N ALA B 69 -3.75 -19.29 -2.57
CA ALA B 69 -2.54 -18.49 -2.69
C ALA B 69 -1.77 -18.46 -1.38
N ALA B 70 -2.47 -18.33 -0.24
CA ALA B 70 -1.78 -18.30 1.04
C ALA B 70 -0.97 -19.57 1.26
N ARG B 71 -1.58 -20.74 0.98
CA ARG B 71 -0.85 -22.00 1.12
C ARG B 71 0.31 -22.09 0.13
N ALA B 72 0.20 -21.40 -1.01
CA ALA B 72 1.27 -21.42 -2.01
C ALA B 72 2.41 -20.47 -1.66
N GLY B 73 2.17 -19.48 -0.83
CA GLY B 73 3.18 -18.52 -0.42
C GLY B 73 2.91 -17.09 -0.85
N VAL B 74 1.83 -16.83 -1.59
CA VAL B 74 1.56 -15.46 -2.03
C VAL B 74 1.33 -14.56 -0.81
N ARG B 75 1.74 -13.31 -0.95
CA ARG B 75 1.64 -12.32 0.13
C ARG B 75 1.26 -10.96 -0.44
N VAL B 76 0.58 -10.17 0.39
CA VAL B 76 0.16 -8.84 -0.03
C VAL B 76 1.37 -8.01 -0.39
N GLY B 77 1.25 -7.20 -1.44
CA GLY B 77 2.34 -6.38 -1.92
C GLY B 77 3.19 -7.00 -3.00
N ASP B 78 3.09 -8.32 -3.19
CA ASP B 78 3.83 -8.97 -4.25
C ASP B 78 3.45 -8.38 -5.61
N LYS B 79 4.47 -8.09 -6.43
CA LYS B 79 4.28 -7.65 -7.80
C LYS B 79 4.33 -8.86 -8.71
N LEU B 80 3.28 -9.06 -9.51
CA LEU B 80 3.19 -10.24 -10.35
C LEU B 80 3.96 -9.98 -11.65
N LEU B 81 4.92 -10.85 -11.95
CA LEU B 81 5.81 -10.66 -13.09
C LEU B 81 5.49 -11.60 -14.24
N GLU B 82 5.27 -12.88 -13.96
CA GLU B 82 5.00 -13.87 -14.99
C GLU B 82 3.92 -14.83 -14.51
N VAL B 83 3.16 -15.38 -15.45
CA VAL B 83 2.11 -16.34 -15.15
C VAL B 83 2.12 -17.38 -16.26
N ASN B 84 2.52 -18.60 -15.92
CA ASN B 84 2.61 -19.71 -16.87
C ASN B 84 3.32 -19.28 -18.15
N GLY B 85 4.43 -18.57 -17.98
CA GLY B 85 5.27 -18.17 -19.10
C GLY B 85 4.83 -16.92 -19.82
N VAL B 86 3.71 -16.33 -19.44
CA VAL B 86 3.23 -15.08 -20.05
C VAL B 86 3.70 -13.93 -19.17
N ALA B 87 4.59 -13.10 -19.71
CA ALA B 87 5.08 -11.95 -18.97
C ALA B 87 4.03 -10.86 -18.90
N LEU B 88 3.94 -10.20 -17.74
CA LEU B 88 2.95 -9.17 -17.52
C LEU B 88 3.52 -7.76 -17.68
N GLN B 89 4.73 -7.63 -18.21
CA GLN B 89 5.32 -6.32 -18.41
C GLN B 89 4.46 -5.51 -19.38
N GLY B 90 3.92 -4.40 -18.89
CA GLY B 90 3.07 -3.55 -19.69
C GLY B 90 1.60 -3.92 -19.69
N ALA B 91 1.21 -5.00 -19.01
CA ALA B 91 -0.16 -5.44 -19.02
C ALA B 91 -1.06 -4.41 -18.34
N GLU B 92 -2.24 -4.19 -18.92
CA GLU B 92 -3.27 -3.42 -18.23
C GLU B 92 -3.98 -4.31 -17.22
N HIS B 93 -4.71 -3.67 -16.30
CA HIS B 93 -5.39 -4.42 -15.25
C HIS B 93 -6.19 -5.57 -15.85
N HIS B 94 -7.01 -5.27 -16.86
CA HIS B 94 -7.94 -6.27 -17.37
C HIS B 94 -7.22 -7.35 -18.17
N GLU B 95 -6.17 -6.98 -18.90
CA GLU B 95 -5.35 -8.00 -19.56
C GLU B 95 -4.67 -8.90 -18.53
N ALA B 96 -4.40 -8.37 -17.34
CA ALA B 96 -3.88 -9.22 -16.28
C ALA B 96 -4.98 -10.08 -15.69
N VAL B 97 -6.19 -9.52 -15.56
CA VAL B 97 -7.32 -10.31 -15.08
C VAL B 97 -7.54 -11.51 -15.98
N GLU B 98 -7.68 -11.26 -17.28
CA GLU B 98 -7.97 -12.35 -18.21
C GLU B 98 -6.87 -13.40 -18.19
N ALA B 99 -5.61 -12.96 -18.06
CA ALA B 99 -4.51 -13.91 -17.96
C ALA B 99 -4.67 -14.82 -16.76
N LEU B 100 -5.03 -14.26 -15.61
CA LEU B 100 -5.15 -15.07 -14.40
C LEU B 100 -6.43 -15.89 -14.37
N ARG B 101 -7.46 -15.49 -15.12
CA ARG B 101 -8.69 -16.27 -15.13
C ARG B 101 -8.55 -17.51 -16.01
N GLY B 102 -7.88 -17.38 -17.14
CA GLY B 102 -7.62 -18.50 -18.03
C GLY B 102 -6.35 -19.25 -17.73
N ALA B 103 -5.70 -18.99 -16.59
CA ALA B 103 -4.45 -19.65 -16.25
C ALA B 103 -4.63 -21.14 -15.97
N GLY B 104 -5.85 -21.62 -15.87
CA GLY B 104 -6.07 -23.04 -15.69
C GLY B 104 -5.96 -23.47 -14.24
N THR B 105 -5.91 -24.79 -14.07
CA THR B 105 -5.92 -25.38 -12.73
C THR B 105 -4.69 -24.98 -11.95
N ALA B 106 -3.51 -25.24 -12.50
CA ALA B 106 -2.24 -24.92 -11.86
C ALA B 106 -1.69 -23.62 -12.46
N VAL B 107 -1.52 -22.61 -11.62
CA VAL B 107 -1.07 -21.29 -12.03
C VAL B 107 0.27 -21.03 -11.37
N GLN B 108 1.34 -21.06 -12.16
CA GLN B 108 2.69 -20.84 -11.65
C GLN B 108 3.06 -19.37 -11.82
N MET B 109 3.34 -18.71 -10.71
CA MET B 109 3.58 -17.27 -10.70
C MET B 109 5.00 -16.97 -10.28
N ARG B 110 5.58 -15.95 -10.91
CA ARG B 110 6.79 -15.30 -10.43
C ARG B 110 6.39 -13.94 -9.87
N VAL B 111 6.92 -13.61 -8.70
CA VAL B 111 6.60 -12.35 -8.03
C VAL B 111 7.90 -11.71 -7.56
N TRP B 112 7.82 -10.41 -7.30
CA TRP B 112 8.91 -9.62 -6.74
C TRP B 112 8.44 -9.03 -5.42
N ARG B 113 9.18 -9.31 -4.35
CA ARG B 113 8.78 -8.97 -2.98
C ARG B 113 9.82 -8.03 -2.38
N GLU B 114 9.36 -7.03 -1.64
CA GLU B 114 10.23 -6.06 -0.99
C GLU B 114 9.96 -6.04 0.51
N ARG B 115 10.86 -5.40 1.25
CA ARG B 115 10.75 -5.23 2.68
C ARG B 115 10.16 -3.85 2.98
N MET B 116 9.40 -3.76 4.07
CA MET B 116 8.78 -2.49 4.47
C MET B 116 9.02 -2.22 5.95
N GLN C 3 -7.32 9.04 -13.34
CA GLN C 3 -7.32 8.51 -11.97
C GLN C 3 -8.10 7.21 -11.90
N ARG C 4 -7.58 6.16 -12.52
CA ARG C 4 -8.27 4.87 -12.61
C ARG C 4 -7.67 3.91 -11.57
N ARG C 5 -8.36 3.75 -10.45
CA ARG C 5 -8.00 2.74 -9.46
C ARG C 5 -8.79 1.48 -9.78
N ARG C 6 -8.07 0.38 -10.07
CA ARG C 6 -8.70 -0.86 -10.49
C ARG C 6 -8.21 -2.00 -9.61
N GLU C 7 -9.14 -2.73 -9.01
CA GLU C 7 -8.83 -3.91 -8.20
C GLU C 7 -9.86 -4.99 -8.47
N THR C 8 -9.39 -6.21 -8.68
CA THR C 8 -10.24 -7.34 -9.02
C THR C 8 -9.89 -8.52 -8.13
N GLN C 9 -10.86 -9.43 -7.99
CA GLN C 9 -10.71 -10.63 -7.16
C GLN C 9 -10.66 -11.84 -8.09
N VAL C 10 -9.50 -12.47 -8.17
CA VAL C 10 -9.29 -13.63 -9.03
C VAL C 10 -9.21 -14.91 -8.20
N ARG D 1 -17.64 -6.78 15.91
CA ARG D 1 -17.14 -6.22 14.65
C ARG D 1 -16.24 -7.24 13.96
N LEU D 2 -16.10 -7.11 12.65
CA LEU D 2 -15.28 -7.99 11.84
C LEU D 2 -13.97 -7.30 11.49
N GLN D 3 -12.88 -8.05 11.56
CA GLN D 3 -11.59 -7.54 11.11
C GLN D 3 -11.60 -7.51 9.58
N ARG D 4 -12.09 -6.42 9.01
CA ARG D 4 -12.20 -6.27 7.57
C ARG D 4 -11.45 -5.03 7.12
N ARG D 5 -11.08 -5.01 5.83
CA ARG D 5 -10.52 -3.82 5.24
C ARG D 5 -11.57 -2.71 5.28
N ARG D 6 -11.18 -1.54 5.77
CA ARG D 6 -12.12 -0.45 5.95
C ARG D 6 -11.51 0.83 5.40
N GLU D 7 -12.35 1.61 4.71
CA GLU D 7 -11.92 2.84 4.06
C GLU D 7 -13.12 3.77 3.98
N THR D 8 -12.89 5.05 4.29
CA THR D 8 -13.94 6.04 4.33
C THR D 8 -13.42 7.37 3.82
N GLN D 9 -14.14 7.97 2.88
CA GLN D 9 -13.79 9.31 2.42
C GLN D 9 -14.25 10.34 3.46
N VAL D 10 -13.40 11.34 3.69
CA VAL D 10 -13.71 12.40 4.65
C VAL D 10 -13.48 13.77 4.03
CL CL E . -1.97 18.59 15.38
CL CL F . 1.10 3.24 -0.14
CL CL G . -10.71 16.35 16.66
CL CL H . 6.39 -18.90 -14.35
#